data_4EIR
#
_entry.id   4EIR
#
_cell.length_a   67.170
_cell.length_b   41.990
_cell.length_c   69.250
_cell.angle_alpha   90.00
_cell.angle_beta   97.94
_cell.angle_gamma   90.00
#
_symmetry.space_group_name_H-M   'P 1 21 1'
#
loop_
_entity.id
_entity.type
_entity.pdbx_description
1 polymer 'polysaccharide monooxygenase-2'
2 non-polymer 'COPPER (II) ION'
3 non-polymer 'OXYGEN MOLECULE'
4 non-polymer 2-acetamido-2-deoxy-beta-D-glucopyranose
5 non-polymer GLYCEROL
6 water water
#
_entity_poly.entity_id   1
_entity_poly.type   'polypeptide(L)'
_entity_poly.pdbx_seq_one_letter_code
;(HIC)TIFSSLEVNGVNQGLGEGVRVPTYNGPIEDVTSASIACNGSPNTVASTSKVITVQAGTNVTAIWRYMLSTTGDSP
ADVMDSSHKGPTIAYLKKVDNAATASGVGNGWFKIQQDGMDSSGVWGTERVINGKGRHSIKIPECIAPGQYLLRAEMIAL
HAASNYPGAQFYMECAQLNVVGGTGAKTPSTVSFPGAYSGSDPGVKISIYWPPVTAYTVPGPSVFTC
;
_entity_poly.pdbx_strand_id   A,B
#
# COMPACT_ATOMS: atom_id res chain seq x y z
N THR A 2 3.69 -0.46 -8.07
CA THR A 2 4.06 -0.13 -9.45
C THR A 2 3.21 1.06 -9.88
N ILE A 3 3.62 1.74 -10.95
CA ILE A 3 2.93 2.90 -11.51
C ILE A 3 3.02 2.83 -13.04
N PHE A 4 1.88 2.99 -13.68
CA PHE A 4 1.80 3.25 -15.13
C PHE A 4 2.11 4.73 -15.26
N SER A 5 3.36 5.04 -15.64
CA SER A 5 3.85 6.41 -15.52
C SER A 5 4.10 7.11 -16.85
N SER A 6 4.00 6.41 -17.98
CA SER A 6 4.12 7.02 -19.29
C SER A 6 3.49 6.10 -20.32
N LEU A 7 3.14 6.68 -21.46
CA LEU A 7 2.51 5.96 -22.56
C LEU A 7 3.39 6.09 -23.79
N GLU A 8 3.56 4.99 -24.52
CA GLU A 8 4.28 4.97 -25.78
C GLU A 8 3.27 4.84 -26.92
N VAL A 9 3.43 5.70 -27.92
CA VAL A 9 2.54 5.74 -29.08
C VAL A 9 3.41 5.81 -30.34
N ASN A 10 3.17 4.90 -31.28
CA ASN A 10 3.89 4.88 -32.55
C ASN A 10 5.41 4.91 -32.33
N GLY A 11 5.85 4.12 -31.36
CA GLY A 11 7.27 3.97 -31.06
C GLY A 11 7.90 5.13 -30.30
N VAL A 12 7.09 6.07 -29.80
CA VAL A 12 7.60 7.24 -29.09
C VAL A 12 6.97 7.35 -27.71
N ASN A 13 7.82 7.39 -26.69
CA ASN A 13 7.36 7.60 -25.33
C ASN A 13 6.95 9.05 -25.16
N GLN A 14 5.76 9.28 -24.61
CA GLN A 14 5.18 10.63 -24.53
C GLN A 14 5.65 11.43 -23.32
N GLY A 15 6.43 10.81 -22.45
CA GLY A 15 7.05 11.50 -21.32
C GLY A 15 6.50 11.12 -19.97
N LEU A 16 7.33 11.24 -18.94
CA LEU A 16 6.97 10.84 -17.60
C LEU A 16 5.86 11.72 -17.07
N GLY A 17 4.72 11.12 -16.74
CA GLY A 17 3.57 11.89 -16.27
C GLY A 17 2.98 12.86 -17.28
N GLU A 18 3.29 12.69 -18.57
CA GLU A 18 2.82 13.57 -19.64
C GLU A 18 1.65 12.92 -20.33
N GLY A 19 0.45 13.41 -20.03
CA GLY A 19 -0.74 12.76 -20.53
C GLY A 19 -1.16 11.53 -19.75
N VAL A 20 -0.44 11.20 -18.67
CA VAL A 20 -0.84 10.15 -17.75
C VAL A 20 -0.90 10.78 -16.37
N ARG A 21 -2.01 10.59 -15.64
CA ARG A 21 -2.20 11.18 -14.32
C ARG A 21 -1.53 10.29 -13.30
N VAL A 22 -0.36 10.69 -12.82
CA VAL A 22 0.46 9.78 -12.02
C VAL A 22 0.49 10.13 -10.55
N PRO A 23 0.43 9.12 -9.68
CA PRO A 23 0.76 9.33 -8.29
C PRO A 23 2.26 9.28 -8.09
N THR A 24 2.76 9.87 -7.00
CA THR A 24 4.16 9.68 -6.59
C THR A 24 4.29 8.40 -5.77
N TYR A 25 3.26 8.02 -5.00
CA TYR A 25 3.28 6.78 -4.24
CA TYR A 25 3.31 6.75 -4.28
C TYR A 25 2.78 5.63 -5.11
N ASN A 26 3.48 4.49 -5.04
CA ASN A 26 3.19 3.33 -5.85
C ASN A 26 2.27 2.29 -5.19
N GLY A 27 1.61 2.67 -4.10
CA GLY A 27 0.74 1.75 -3.38
C GLY A 27 -0.59 1.51 -4.09
N PRO A 28 -1.22 0.37 -3.79
CA PRO A 28 -2.47 0.00 -4.44
C PRO A 28 -3.69 0.68 -3.87
N ILE A 29 -4.76 0.63 -4.64
CA ILE A 29 -6.11 0.79 -4.12
C ILE A 29 -6.60 -0.64 -3.79
N GLU A 30 -7.19 -0.80 -2.61
CA GLU A 30 -7.67 -2.12 -2.17
CA GLU A 30 -7.68 -2.13 -2.19
C GLU A 30 -9.18 -2.14 -1.94
N ASP A 31 -9.83 -0.99 -1.99
CA ASP A 31 -11.28 -0.83 -1.80
C ASP A 31 -11.94 -0.63 -3.16
N VAL A 32 -12.58 -1.68 -3.67
CA VAL A 32 -13.22 -1.58 -4.99
C VAL A 32 -14.44 -0.66 -5.02
N THR A 33 -14.95 -0.27 -3.85
CA THR A 33 -16.08 0.67 -3.78
C THR A 33 -15.65 2.15 -3.77
N SER A 34 -14.35 2.40 -3.65
CA SER A 34 -13.85 3.76 -3.56
C SER A 34 -13.85 4.43 -4.94
N ALA A 35 -14.12 5.73 -4.96
CA ALA A 35 -13.95 6.56 -6.16
C ALA A 35 -12.53 6.43 -6.73
N SER A 36 -11.57 6.14 -5.87
CA SER A 36 -10.18 5.95 -6.29
C SER A 36 -9.94 4.73 -7.20
N ILE A 37 -10.89 3.80 -7.28
CA ILE A 37 -10.71 2.63 -8.15
C ILE A 37 -10.72 3.02 -9.63
N ALA A 38 -11.33 4.16 -9.97
CA ALA A 38 -11.43 4.58 -11.37
C ALA A 38 -10.07 4.98 -11.95
N CYS A 39 -9.48 6.04 -11.41
CA CYS A 39 -8.21 6.59 -11.93
C CYS A 39 -7.19 6.81 -10.82
N ASN A 40 -7.21 5.96 -9.80
CA ASN A 40 -6.40 6.13 -8.61
C ASN A 40 -6.88 7.35 -7.82
N GLY A 41 -6.24 7.65 -6.70
CA GLY A 41 -6.67 8.74 -5.84
C GLY A 41 -6.41 8.41 -4.38
N SER A 42 -7.11 9.11 -3.50
CA SER A 42 -6.94 8.98 -2.06
C SER A 42 -6.98 7.51 -1.66
N PRO A 43 -6.07 7.08 -0.78
CA PRO A 43 -5.15 7.87 0.04
C PRO A 43 -3.84 8.25 -0.67
N ASN A 44 -3.71 7.95 -1.95
CA ASN A 44 -2.63 8.43 -2.81
CA ASN A 44 -2.62 8.45 -2.76
C ASN A 44 -2.94 9.87 -3.24
N THR A 45 -1.98 10.53 -3.85
CA THR A 45 -2.18 11.84 -4.48
C THR A 45 -1.76 11.75 -5.94
N VAL A 46 -2.66 12.16 -6.80
CA VAL A 46 -2.45 11.99 -8.23
C VAL A 46 -2.27 13.36 -8.88
N ALA A 47 -1.22 13.48 -9.70
CA ALA A 47 -0.91 14.73 -10.37
C ALA A 47 -1.81 14.92 -11.59
N SER A 48 -2.08 16.15 -11.93
CA SER A 48 -2.79 16.44 -13.16
C SER A 48 -1.79 16.70 -14.29
N THR A 49 -2.28 16.71 -15.51
CA THR A 49 -1.47 16.96 -16.70
C THR A 49 -2.38 17.57 -17.75
N SER A 50 -1.87 18.58 -18.45
CA SER A 50 -2.66 19.24 -19.49
C SER A 50 -2.53 18.56 -20.84
N LYS A 51 -1.59 17.63 -20.97
CA LYS A 51 -1.32 16.96 -22.25
C LYS A 51 -2.39 15.93 -22.55
N VAL A 52 -2.92 15.99 -23.77
CA VAL A 52 -3.81 14.99 -24.30
C VAL A 52 -3.10 14.37 -25.50
N ILE A 53 -2.95 13.05 -25.48
CA ILE A 53 -2.13 12.32 -26.44
C ILE A 53 -2.99 11.87 -27.60
N THR A 54 -2.62 12.27 -28.80
CA THR A 54 -3.34 11.83 -30.00
C THR A 54 -2.93 10.42 -30.41
N VAL A 55 -3.93 9.58 -30.65
CA VAL A 55 -3.70 8.21 -31.10
CA VAL A 55 -3.74 8.18 -31.04
C VAL A 55 -4.68 7.81 -32.20
N GLN A 56 -4.17 7.12 -33.21
CA GLN A 56 -5.00 6.63 -34.31
C GLN A 56 -5.80 5.40 -33.87
N ALA A 57 -7.10 5.44 -34.10
CA ALA A 57 -7.94 4.27 -33.83
C ALA A 57 -7.46 3.06 -34.64
N GLY A 58 -7.51 1.89 -34.02
CA GLY A 58 -7.08 0.64 -34.66
C GLY A 58 -5.64 0.27 -34.41
N THR A 59 -4.89 1.16 -33.76
CA THR A 59 -3.49 0.92 -33.45
C THR A 59 -3.34 0.65 -31.96
N ASN A 60 -2.20 0.10 -31.61
CA ASN A 60 -1.91 -0.17 -30.22
C ASN A 60 -1.10 0.93 -29.59
N VAL A 61 -1.42 1.22 -28.34
CA VAL A 61 -0.58 2.02 -27.47
C VAL A 61 0.08 1.10 -26.45
N THR A 62 1.14 1.56 -25.80
CA THR A 62 1.81 0.73 -24.82
C THR A 62 1.97 1.50 -23.51
N ALA A 63 1.27 1.04 -22.48
CA ALA A 63 1.45 1.54 -21.13
C ALA A 63 2.79 1.05 -20.62
N ILE A 64 3.55 1.94 -20.00
CA ILE A 64 4.88 1.64 -19.49
C ILE A 64 4.86 1.69 -17.96
N TRP A 65 5.00 0.52 -17.35
CA TRP A 65 4.94 0.35 -15.90
C TRP A 65 6.32 0.38 -15.29
N ARG A 66 6.43 1.10 -14.17
CA ARG A 66 7.68 1.25 -13.44
C ARG A 66 7.43 1.18 -11.94
N TYR A 67 8.45 0.79 -11.18
CA TYR A 67 8.30 0.64 -9.73
C TYR A 67 7.93 1.99 -9.08
N MET A 68 8.68 3.04 -9.43
CA MET A 68 8.47 4.40 -8.93
C MET A 68 8.65 5.42 -10.05
N LEU A 69 8.28 6.69 -9.81
CA LEU A 69 8.49 7.76 -10.80
C LEU A 69 9.97 8.01 -11.07
N SER A 70 10.82 7.72 -10.09
CA SER A 70 12.25 7.93 -10.23
C SER A 70 12.97 6.79 -10.94
N THR A 71 12.27 5.67 -11.18
CA THR A 71 12.92 4.49 -11.75
C THR A 71 13.37 4.72 -13.19
N THR A 72 14.66 4.48 -13.45
CA THR A 72 15.24 4.70 -14.77
C THR A 72 15.30 3.41 -15.61
N GLY A 73 15.48 2.28 -14.94
CA GLY A 73 15.65 1.01 -15.62
C GLY A 73 14.34 0.36 -16.00
N ASP A 74 14.45 -0.79 -16.69
CA ASP A 74 13.29 -1.56 -17.11
C ASP A 74 13.47 -3.05 -16.85
N SER A 75 14.37 -3.41 -15.94
CA SER A 75 14.52 -4.79 -15.50
C SER A 75 13.32 -5.18 -14.66
N PRO A 76 13.14 -6.49 -14.39
CA PRO A 76 11.97 -6.88 -13.60
C PRO A 76 11.78 -6.12 -12.28
N ALA A 77 12.86 -5.94 -11.53
CA ALA A 77 12.80 -5.20 -10.25
C ALA A 77 12.42 -3.74 -10.46
N ASP A 78 12.66 -3.22 -11.65
CA ASP A 78 12.29 -1.84 -11.99
C ASP A 78 10.82 -1.68 -12.41
N VAL A 79 10.10 -2.80 -12.47
CA VAL A 79 8.69 -2.78 -12.91
C VAL A 79 7.77 -3.08 -11.72
N MET A 80 7.85 -4.30 -11.18
CA MET A 80 7.03 -4.71 -10.05
C MET A 80 7.61 -6.01 -9.49
N ASP A 81 7.43 -6.23 -8.20
CA ASP A 81 7.93 -7.44 -7.55
C ASP A 81 7.29 -8.68 -8.16
N SER A 82 8.10 -9.72 -8.34
CA SER A 82 7.66 -10.92 -9.04
C SER A 82 6.60 -11.73 -8.27
N SER A 83 6.40 -11.43 -6.99
CA SER A 83 5.30 -12.04 -6.25
C SER A 83 3.93 -11.63 -6.77
N HIS A 84 3.86 -10.47 -7.43
CA HIS A 84 2.60 -9.83 -7.78
C HIS A 84 1.99 -10.40 -9.05
N LYS A 85 1.56 -11.65 -8.96
CA LYS A 85 0.94 -12.36 -10.05
C LYS A 85 -0.52 -11.95 -10.18
N GLY A 86 -0.95 -11.70 -11.41
CA GLY A 86 -2.34 -11.36 -11.68
C GLY A 86 -2.55 -10.91 -13.10
N PRO A 87 -3.76 -10.41 -13.40
CA PRO A 87 -4.08 -9.95 -14.74
C PRO A 87 -3.62 -8.52 -15.02
N THR A 88 -3.44 -8.25 -16.30
CA THR A 88 -3.38 -6.88 -16.81
C THR A 88 -4.69 -6.61 -17.56
N ILE A 89 -5.17 -5.37 -17.53
CA ILE A 89 -6.49 -5.02 -18.04
C ILE A 89 -6.45 -3.57 -18.49
N ALA A 90 -7.25 -3.22 -19.49
CA ALA A 90 -7.35 -1.82 -19.90
C ALA A 90 -8.76 -1.51 -20.36
N TYR A 91 -9.16 -0.27 -20.11
CA TYR A 91 -10.48 0.24 -20.40
C TYR A 91 -10.40 1.63 -21.04
N LEU A 92 -11.42 2.01 -21.80
CA LEU A 92 -11.62 3.37 -22.27
C LEU A 92 -12.91 3.93 -21.72
N LYS A 93 -12.97 5.26 -21.62
CA LYS A 93 -14.19 5.98 -21.27
C LYS A 93 -14.23 7.23 -22.11
N LYS A 94 -15.31 7.43 -22.85
CA LYS A 94 -15.51 8.62 -23.65
C LYS A 94 -15.85 9.78 -22.72
N VAL A 95 -15.16 10.90 -22.86
CA VAL A 95 -15.36 12.03 -21.98
C VAL A 95 -15.36 13.32 -22.80
N ASP A 96 -15.87 14.37 -22.19
CA ASP A 96 -15.93 15.68 -22.83
C ASP A 96 -14.55 16.31 -23.04
N ASN A 97 -13.73 16.23 -22.01
CA ASN A 97 -12.40 16.83 -22.00
C ASN A 97 -11.50 15.91 -21.19
N ALA A 98 -10.53 15.28 -21.86
CA ALA A 98 -9.72 14.26 -21.20
C ALA A 98 -8.79 14.86 -20.14
N ALA A 99 -8.59 16.18 -20.13
CA ALA A 99 -7.77 16.82 -19.12
C ALA A 99 -8.53 17.15 -17.84
N THR A 100 -9.87 17.13 -17.88
CA THR A 100 -10.66 17.48 -16.68
C THR A 100 -11.63 16.42 -16.18
N ALA A 101 -12.02 15.45 -17.01
CA ALA A 101 -12.99 14.44 -16.58
C ALA A 101 -12.40 13.61 -15.44
N SER A 102 -13.15 13.34 -14.38
CA SER A 102 -12.57 12.57 -13.25
C SER A 102 -12.38 11.07 -13.53
N GLY A 103 -13.24 10.51 -14.36
CA GLY A 103 -13.27 9.07 -14.61
C GLY A 103 -14.24 8.29 -13.73
N VAL A 104 -14.73 8.89 -12.65
CA VAL A 104 -15.63 8.22 -11.75
C VAL A 104 -17.00 8.06 -12.40
N GLY A 105 -17.57 6.87 -12.28
CA GLY A 105 -18.92 6.60 -12.76
C GLY A 105 -18.98 5.71 -13.99
N ASN A 106 -20.11 5.75 -14.69
CA ASN A 106 -20.38 4.90 -15.83
C ASN A 106 -19.65 5.40 -17.07
N GLY A 107 -19.49 4.50 -18.04
CA GLY A 107 -18.93 4.85 -19.34
C GLY A 107 -17.72 4.02 -19.75
N TRP A 108 -17.21 3.21 -18.84
CA TRP A 108 -16.01 2.41 -19.12
C TRP A 108 -16.36 1.21 -19.95
N PHE A 109 -15.49 0.87 -20.89
CA PHE A 109 -15.58 -0.40 -21.61
C PHE A 109 -14.19 -1.03 -21.72
N LYS A 110 -14.12 -2.34 -21.57
CA LYS A 110 -12.85 -3.05 -21.56
C LYS A 110 -12.32 -3.27 -22.97
N ILE A 111 -11.05 -2.98 -23.20
CA ILE A 111 -10.43 -3.15 -24.51
C ILE A 111 -9.24 -4.12 -24.53
N GLN A 112 -8.78 -4.55 -23.36
CA GLN A 112 -7.67 -5.51 -23.27
C GLN A 112 -7.76 -6.25 -21.95
N GLN A 113 -7.34 -7.51 -21.95
CA GLN A 113 -7.07 -8.22 -20.72
C GLN A 113 -6.13 -9.37 -21.02
N ASP A 114 -5.36 -9.73 -20.00
CA ASP A 114 -4.40 -10.82 -20.06
C ASP A 114 -4.33 -11.44 -18.68
N GLY A 115 -5.01 -12.57 -18.51
CA GLY A 115 -5.09 -13.25 -17.22
C GLY A 115 -4.00 -14.27 -17.03
N MET A 116 -4.32 -15.56 -17.18
CA MET A 116 -3.34 -16.66 -17.14
C MET A 116 -3.40 -17.45 -18.41
N ASP A 117 -2.27 -17.68 -18.97
CA ASP A 117 -2.22 -18.41 -20.23
C ASP A 117 -2.18 -19.93 -19.97
N SER A 118 -2.11 -20.71 -21.04
CA SER A 118 -2.11 -22.16 -20.95
C SER A 118 -0.83 -22.76 -20.34
N SER A 119 0.24 -21.97 -20.30
CA SER A 119 1.49 -22.38 -19.65
C SER A 119 1.55 -21.95 -18.17
N GLY A 120 0.48 -21.32 -17.68
CA GLY A 120 0.37 -20.93 -16.28
C GLY A 120 1.02 -19.61 -15.93
N VAL A 121 1.38 -18.85 -16.95
CA VAL A 121 2.03 -17.57 -16.78
C VAL A 121 1.01 -16.39 -16.87
N TRP A 122 1.15 -15.45 -15.91
CA TRP A 122 0.19 -14.38 -15.72
C TRP A 122 0.50 -13.14 -16.51
N GLY A 123 -0.52 -12.35 -16.81
CA GLY A 123 -0.34 -11.10 -17.52
C GLY A 123 0.69 -10.18 -16.88
N THR A 124 0.64 -10.09 -15.55
CA THR A 124 1.61 -9.19 -14.88
C THR A 124 3.04 -9.67 -15.07
N GLU A 125 3.22 -10.99 -15.18
CA GLU A 125 4.56 -11.53 -15.40
C GLU A 125 5.12 -11.17 -16.76
N ARG A 126 4.26 -11.14 -17.78
CA ARG A 126 4.67 -10.67 -19.10
C ARG A 126 5.09 -9.20 -19.09
N VAL A 127 4.42 -8.38 -18.28
CA VAL A 127 4.80 -6.97 -18.15
C VAL A 127 6.12 -6.83 -17.36
N ILE A 128 6.21 -7.54 -16.23
CA ILE A 128 7.40 -7.50 -15.39
C ILE A 128 8.66 -7.91 -16.16
N ASN A 129 8.53 -8.98 -16.95
CA ASN A 129 9.66 -9.53 -17.69
C ASN A 129 9.75 -9.03 -19.13
N GLY A 130 8.87 -8.09 -19.49
CA GLY A 130 8.85 -7.48 -20.80
C GLY A 130 9.06 -5.97 -20.77
N LYS A 131 9.98 -5.52 -19.92
CA LYS A 131 10.38 -4.12 -19.84
C LYS A 131 9.24 -3.18 -19.44
N GLY A 132 8.26 -3.73 -18.72
CA GLY A 132 7.13 -2.95 -18.23
C GLY A 132 6.11 -2.62 -19.31
N ARG A 133 6.18 -3.30 -20.46
CA ARG A 133 5.34 -2.96 -21.61
C ARG A 133 4.00 -3.69 -21.58
N HIS A 134 2.93 -2.91 -21.66
CA HIS A 134 1.54 -3.40 -21.60
C HIS A 134 0.84 -2.87 -22.84
N SER A 135 0.72 -3.72 -23.86
CA SER A 135 0.21 -3.33 -25.17
C SER A 135 -1.31 -3.42 -25.22
N ILE A 136 -1.93 -2.38 -25.77
CA ILE A 136 -3.37 -2.18 -25.69
C ILE A 136 -3.89 -1.64 -27.04
N LYS A 137 -4.83 -2.33 -27.67
CA LYS A 137 -5.36 -1.89 -28.95
C LYS A 137 -6.52 -0.93 -28.77
N ILE A 138 -6.41 0.26 -29.35
CA ILE A 138 -7.52 1.18 -29.43
C ILE A 138 -8.43 0.68 -30.54
N PRO A 139 -9.69 0.33 -30.24
CA PRO A 139 -10.55 -0.20 -31.30
C PRO A 139 -10.74 0.74 -32.49
N GLU A 140 -10.81 0.18 -33.69
CA GLU A 140 -10.98 0.97 -34.89
C GLU A 140 -12.38 1.57 -35.00
N CYS A 141 -13.36 0.91 -34.39
CA CYS A 141 -14.76 1.20 -34.65
C CYS A 141 -15.44 2.14 -33.66
N ILE A 142 -14.70 2.61 -32.67
CA ILE A 142 -15.29 3.55 -31.72
C ILE A 142 -15.32 4.97 -32.27
N ALA A 143 -16.13 5.81 -31.65
CA ALA A 143 -16.21 7.21 -32.02
C ALA A 143 -14.87 7.88 -31.74
N PRO A 144 -14.48 8.83 -32.58
CA PRO A 144 -13.30 9.62 -32.29
C PRO A 144 -13.52 10.57 -31.12
N GLY A 145 -12.43 11.11 -30.59
CA GLY A 145 -12.52 12.20 -29.65
C GLY A 145 -11.81 11.93 -28.35
N GLN A 146 -12.25 12.62 -27.31
CA GLN A 146 -11.58 12.62 -26.03
C GLN A 146 -11.95 11.37 -25.23
N TYR A 147 -10.94 10.68 -24.71
CA TYR A 147 -11.12 9.49 -23.88
C TYR A 147 -10.14 9.49 -22.73
N LEU A 148 -10.53 8.80 -21.67
CA LEU A 148 -9.59 8.32 -20.67
C LEU A 148 -9.27 6.87 -20.96
N LEU A 149 -7.99 6.52 -20.81
CA LEU A 149 -7.52 5.14 -20.90
C LEU A 149 -7.06 4.70 -19.51
N ARG A 150 -7.74 3.72 -18.92
CA ARG A 150 -7.42 3.20 -17.60
C ARG A 150 -6.68 1.90 -17.80
N ALA A 151 -5.39 1.87 -17.51
CA ALA A 151 -4.59 0.66 -17.56
C ALA A 151 -4.34 0.19 -16.15
N GLU A 152 -4.43 -1.13 -15.96
CA GLU A 152 -4.48 -1.74 -14.64
C GLU A 152 -3.68 -3.02 -14.58
N MET A 153 -3.03 -3.21 -13.44
CA MET A 153 -2.48 -4.52 -13.05
C MET A 153 -3.08 -4.85 -11.69
N ILE A 154 -3.60 -6.08 -11.54
CA ILE A 154 -4.13 -6.52 -10.27
C ILE A 154 -3.20 -7.59 -9.70
N ALA A 155 -2.60 -7.32 -8.55
CA ALA A 155 -1.74 -8.32 -7.87
C ALA A 155 -2.60 -9.18 -6.97
N LEU A 156 -2.49 -10.50 -7.12
CA LEU A 156 -3.35 -11.47 -6.40
C LEU A 156 -2.63 -12.32 -5.37
N HIS A 157 -1.37 -12.04 -5.11
CA HIS A 157 -0.59 -12.85 -4.14
C HIS A 157 -1.14 -12.79 -2.73
N ALA A 158 -1.88 -11.75 -2.39
CA ALA A 158 -2.45 -11.58 -1.06
C ALA A 158 -3.98 -11.47 -1.12
N ALA A 159 -4.59 -12.14 -2.09
CA ALA A 159 -6.01 -11.99 -2.40
C ALA A 159 -6.89 -13.12 -1.87
N SER A 160 -6.38 -13.98 -1.00
CA SER A 160 -7.17 -15.13 -0.53
C SER A 160 -8.45 -14.68 0.15
N ASN A 161 -8.37 -13.56 0.85
CA ASN A 161 -9.53 -12.88 1.41
C ASN A 161 -9.73 -11.52 0.74
N TYR A 162 -10.88 -10.91 0.95
CA TYR A 162 -11.12 -9.55 0.49
C TYR A 162 -11.42 -8.72 1.73
N PRO A 163 -10.75 -7.57 1.92
CA PRO A 163 -9.74 -6.97 1.06
C PRO A 163 -8.48 -7.78 1.00
N GLY A 164 -7.78 -7.67 -0.11
CA GLY A 164 -6.53 -8.40 -0.33
C GLY A 164 -5.94 -8.14 -1.69
N ALA A 165 -6.77 -8.26 -2.72
CA ALA A 165 -6.36 -7.93 -4.09
C ALA A 165 -5.84 -6.51 -4.12
N GLN A 166 -4.79 -6.29 -4.88
CA GLN A 166 -4.14 -4.98 -4.96
C GLN A 166 -4.30 -4.45 -6.37
N PHE A 167 -5.03 -3.35 -6.49
CA PHE A 167 -5.37 -2.77 -7.80
C PHE A 167 -4.44 -1.58 -8.05
N TYR A 168 -3.66 -1.65 -9.12
CA TYR A 168 -2.75 -0.58 -9.54
C TYR A 168 -3.25 -0.06 -10.86
N MET A 169 -3.64 1.21 -10.92
CA MET A 169 -4.21 1.77 -12.15
C MET A 169 -3.82 3.23 -12.28
N GLU A 170 -3.74 3.67 -13.51
CA GLU A 170 -3.63 5.09 -13.86
C GLU A 170 -4.39 5.34 -15.13
N CYS A 171 -4.79 6.60 -15.31
CA CYS A 171 -5.50 7.03 -16.47
C CYS A 171 -4.67 7.95 -17.35
N ALA A 172 -4.62 7.60 -18.62
CA ALA A 172 -4.05 8.45 -19.67
C ALA A 172 -5.16 9.23 -20.35
N GLN A 173 -4.77 10.35 -20.92
CA GLN A 173 -5.66 11.32 -21.55
C GLN A 173 -5.44 11.26 -23.05
N LEU A 174 -6.45 10.80 -23.78
CA LEU A 174 -6.32 10.53 -25.21
C LEU A 174 -7.25 11.36 -26.07
N ASN A 175 -6.76 11.67 -27.26
CA ASN A 175 -7.55 12.17 -28.37
C ASN A 175 -7.49 11.11 -29.46
N VAL A 176 -8.57 10.33 -29.62
CA VAL A 176 -8.61 9.25 -30.59
C VAL A 176 -9.03 9.84 -31.92
N VAL A 177 -8.18 9.66 -32.93
CA VAL A 177 -8.49 10.14 -34.27
C VAL A 177 -8.68 8.94 -35.21
N GLY A 178 -9.57 9.10 -36.17
CA GLY A 178 -9.81 8.09 -37.18
C GLY A 178 -10.80 6.99 -36.79
N GLY A 179 -11.36 7.05 -35.58
CA GLY A 179 -12.39 6.10 -35.19
C GLY A 179 -13.61 6.27 -36.05
N THR A 180 -14.21 5.16 -36.48
CA THR A 180 -15.35 5.24 -37.39
C THR A 180 -16.68 5.45 -36.70
N GLY A 181 -16.74 5.21 -35.40
CA GLY A 181 -18.00 5.28 -34.67
C GLY A 181 -19.02 4.23 -35.10
N ALA A 182 -18.59 3.17 -35.77
CA ALA A 182 -19.49 2.13 -36.25
C ALA A 182 -20.17 1.36 -35.12
N LYS A 183 -19.57 1.33 -33.94
CA LYS A 183 -20.13 0.57 -32.83
C LYS A 183 -20.02 1.37 -31.54
N THR A 184 -21.08 1.33 -30.73
CA THR A 184 -21.11 2.01 -29.44
C THR A 184 -21.04 0.94 -28.35
N PRO A 185 -19.97 0.94 -27.54
CA PRO A 185 -19.84 -0.08 -26.51
C PRO A 185 -20.91 0.01 -25.42
N SER A 186 -21.29 -1.14 -24.89
CA SER A 186 -21.96 -1.17 -23.61
C SER A 186 -20.91 -0.88 -22.54
N THR A 187 -21.35 -0.24 -21.45
CA THR A 187 -20.42 0.28 -20.47
C THR A 187 -20.71 -0.17 -19.04
N VAL A 188 -19.68 -0.01 -18.21
CA VAL A 188 -19.76 -0.30 -16.79
C VAL A 188 -19.21 0.91 -16.04
N SER A 189 -19.40 0.88 -14.72
CA SER A 189 -18.98 1.95 -13.84
C SER A 189 -17.78 1.58 -12.98
N PHE A 190 -16.93 2.56 -12.70
CA PHE A 190 -15.92 2.45 -11.63
C PHE A 190 -16.13 3.61 -10.67
N PRO A 191 -16.45 3.32 -9.39
CA PRO A 191 -16.67 2.00 -8.80
C PRO A 191 -17.96 1.35 -9.30
N GLY A 192 -18.01 0.02 -9.23
CA GLY A 192 -19.21 -0.74 -9.57
C GLY A 192 -18.90 -2.04 -10.29
N ALA A 193 -17.94 -2.01 -11.21
CA ALA A 193 -17.68 -3.14 -12.10
C ALA A 193 -17.05 -4.32 -11.38
N TYR A 194 -16.30 -4.03 -10.31
CA TYR A 194 -15.68 -5.06 -9.48
C TYR A 194 -16.37 -5.16 -8.13
N SER A 195 -16.44 -6.38 -7.60
CA SER A 195 -16.91 -6.63 -6.25
C SER A 195 -15.91 -7.55 -5.53
N GLY A 196 -15.89 -7.44 -4.22
CA GLY A 196 -15.01 -8.25 -3.38
C GLY A 196 -15.27 -9.75 -3.44
N SER A 197 -16.45 -10.14 -3.92
CA SER A 197 -16.78 -11.56 -4.04
C SER A 197 -16.49 -12.14 -5.44
N ASP A 198 -15.99 -11.32 -6.36
CA ASP A 198 -15.71 -11.81 -7.71
C ASP A 198 -14.67 -12.93 -7.66
N PRO A 199 -14.83 -13.95 -8.53
CA PRO A 199 -13.91 -15.10 -8.51
C PRO A 199 -12.46 -14.76 -8.89
N GLY A 200 -12.28 -13.59 -9.52
CA GLY A 200 -10.95 -13.10 -9.86
C GLY A 200 -10.41 -12.05 -8.91
N VAL A 201 -11.17 -11.72 -7.86
CA VAL A 201 -10.77 -10.73 -6.85
C VAL A 201 -10.48 -11.41 -5.52
N LYS A 202 -11.42 -12.25 -5.03
CA LYS A 202 -11.17 -13.14 -3.89
C LYS A 202 -10.75 -14.44 -4.37
N ILE A 203 -9.50 -14.80 -4.24
CA ILE A 203 -8.93 -15.91 -4.87
C ILE A 203 -7.62 -16.31 -4.22
N SER A 204 -7.52 -17.55 -3.81
CA SER A 204 -6.25 -18.11 -3.39
C SER A 204 -5.56 -18.65 -4.63
N ILE A 205 -4.49 -18.00 -5.09
CA ILE A 205 -3.81 -18.49 -6.28
C ILE A 205 -2.92 -19.70 -5.98
N TYR A 206 -2.77 -20.04 -4.71
CA TYR A 206 -1.94 -21.15 -4.27
C TYR A 206 -2.72 -22.40 -3.81
N TRP A 207 -3.93 -22.23 -3.27
CA TRP A 207 -4.71 -23.36 -2.70
C TRP A 207 -6.07 -23.56 -3.32
N PRO A 208 -6.19 -24.46 -4.32
CA PRO A 208 -5.13 -25.19 -5.03
C PRO A 208 -4.48 -24.33 -6.12
N PRO A 209 -3.41 -24.85 -6.76
CA PRO A 209 -2.77 -24.14 -7.87
C PRO A 209 -3.76 -23.84 -8.99
N VAL A 210 -3.76 -22.62 -9.47
CA VAL A 210 -4.75 -22.17 -10.40
C VAL A 210 -4.23 -22.52 -11.79
N THR A 211 -5.16 -23.05 -12.56
CA THR A 211 -4.90 -23.47 -13.88
C THR A 211 -5.65 -22.61 -14.94
N ALA A 212 -6.70 -21.98 -14.44
CA ALA A 212 -7.54 -21.08 -15.22
C ALA A 212 -8.00 -19.91 -14.32
N TYR A 213 -8.28 -18.77 -14.93
CA TYR A 213 -8.59 -17.55 -14.17
C TYR A 213 -9.65 -16.69 -14.88
N THR A 214 -10.64 -16.21 -14.11
CA THR A 214 -11.67 -15.31 -14.64
C THR A 214 -11.32 -13.86 -14.32
N VAL A 215 -10.95 -13.09 -15.33
CA VAL A 215 -10.60 -11.70 -15.12
C VAL A 215 -11.86 -10.94 -14.72
N PRO A 216 -11.77 -10.09 -13.68
CA PRO A 216 -12.97 -9.33 -13.30
C PRO A 216 -13.37 -8.30 -14.34
N GLY A 217 -14.61 -7.83 -14.24
CA GLY A 217 -15.16 -6.84 -15.14
C GLY A 217 -15.88 -7.46 -16.33
N PRO A 218 -16.32 -6.61 -17.25
CA PRO A 218 -17.10 -7.05 -18.41
C PRO A 218 -16.24 -7.74 -19.45
N SER A 219 -16.89 -8.34 -20.44
CA SER A 219 -16.20 -8.89 -21.60
C SER A 219 -15.46 -7.79 -22.36
N VAL A 220 -14.41 -8.20 -23.06
CA VAL A 220 -13.67 -7.28 -23.91
C VAL A 220 -14.52 -6.84 -25.10
N PHE A 221 -14.60 -5.54 -25.30
CA PHE A 221 -15.27 -4.96 -26.44
C PHE A 221 -14.50 -5.28 -27.71
N THR A 222 -15.21 -5.73 -28.74
CA THR A 222 -14.61 -6.08 -30.03
C THR A 222 -15.42 -5.44 -31.16
N CYS A 223 -14.73 -5.09 -32.24
CA CYS A 223 -15.35 -4.49 -33.41
C CYS A 223 -15.93 -5.55 -34.33
N THR B 2 -2.76 3.49 7.80
CA THR B 2 -2.77 4.26 9.04
C THR B 2 -1.36 4.81 9.26
N ILE B 3 -1.26 5.84 10.10
CA ILE B 3 -0.01 6.51 10.42
C ILE B 3 0.01 6.88 11.91
N PHE B 4 1.09 6.52 12.58
CA PHE B 4 1.42 7.06 13.93
C PHE B 4 1.98 8.45 13.69
N SER B 5 1.15 9.47 13.88
CA SER B 5 1.50 10.80 13.39
C SER B 5 1.78 11.81 14.49
N SER B 6 1.54 11.48 15.75
CA SER B 6 1.90 12.33 16.86
C SER B 6 2.00 11.48 18.12
N LEU B 7 2.71 12.00 19.10
CA LEU B 7 2.93 11.34 20.38
C LEU B 7 2.43 12.22 21.52
N GLU B 8 1.71 11.62 22.47
CA GLU B 8 1.28 12.29 23.68
C GLU B 8 2.22 11.89 24.81
N VAL B 9 2.74 12.90 25.50
CA VAL B 9 3.68 12.74 26.61
C VAL B 9 3.23 13.64 27.74
N ASN B 10 3.14 13.10 28.96
CA ASN B 10 2.70 13.85 30.12
C ASN B 10 1.36 14.52 29.90
N GLY B 11 0.46 13.84 29.19
CA GLY B 11 -0.87 14.36 28.89
C GLY B 11 -0.95 15.40 27.79
N VAL B 12 0.16 15.66 27.11
CA VAL B 12 0.20 16.73 26.12
C VAL B 12 0.63 16.17 24.76
N ASN B 13 -0.22 16.37 23.76
CA ASN B 13 0.14 15.97 22.40
C ASN B 13 1.27 16.87 21.91
N GLN B 14 2.33 16.27 21.42
CA GLN B 14 3.53 17.01 21.04
C GLN B 14 3.47 17.65 19.65
N GLY B 15 2.41 17.38 18.90
CA GLY B 15 2.19 18.01 17.60
C GLY B 15 2.33 17.06 16.42
N LEU B 16 1.62 17.38 15.35
CA LEU B 16 1.60 16.54 14.17
C LEU B 16 2.99 16.50 13.52
N GLY B 17 3.59 15.32 13.47
CA GLY B 17 4.94 15.18 12.92
C GLY B 17 6.05 15.82 13.72
N GLU B 18 5.75 16.18 14.97
CA GLU B 18 6.72 16.85 15.84
C GLU B 18 7.38 15.81 16.72
N GLY B 19 8.62 15.47 16.40
CA GLY B 19 9.29 14.39 17.12
C GLY B 19 8.90 13.00 16.68
N VAL B 20 8.03 12.89 15.69
CA VAL B 20 7.67 11.62 15.05
C VAL B 20 7.99 11.80 13.58
N ARG B 21 8.72 10.86 13.01
CA ARG B 21 9.14 10.91 11.61
C ARG B 21 8.00 10.34 10.77
N VAL B 22 7.21 11.20 10.14
CA VAL B 22 5.98 10.74 9.51
C VAL B 22 6.10 10.62 7.99
N PRO B 23 5.53 9.53 7.46
CA PRO B 23 5.45 9.34 6.02
C PRO B 23 4.35 10.18 5.48
N THR B 24 4.49 10.49 4.21
CA THR B 24 3.48 11.24 3.51
C THR B 24 2.22 10.38 3.25
N TYR B 25 2.44 9.12 2.98
CA TYR B 25 1.38 8.19 2.61
CA TYR B 25 1.45 8.18 2.53
C TYR B 25 1.20 7.17 3.68
N ASN B 26 -0.03 6.65 3.77
CA ASN B 26 -0.42 5.73 4.83
C ASN B 26 -0.25 4.25 4.49
N GLY B 27 0.47 3.94 3.42
CA GLY B 27 0.58 2.56 2.99
C GLY B 27 1.59 1.77 3.80
N PRO B 28 1.47 0.44 3.76
CA PRO B 28 2.32 -0.41 4.59
C PRO B 28 3.65 -0.72 3.95
N ILE B 29 4.58 -1.18 4.78
CA ILE B 29 5.73 -1.95 4.32
C ILE B 29 5.30 -3.41 4.37
N GLU B 30 5.59 -4.16 3.32
CA GLU B 30 5.22 -5.58 3.23
CA GLU B 30 5.21 -5.57 3.24
C GLU B 30 6.43 -6.50 3.11
N ASP B 31 7.62 -5.95 2.92
CA ASP B 31 8.84 -6.73 2.79
C ASP B 31 9.64 -6.62 4.09
N VAL B 32 9.64 -7.68 4.88
CA VAL B 32 10.28 -7.63 6.19
C VAL B 32 11.79 -7.57 6.10
N THR B 33 12.35 -7.81 4.92
CA THR B 33 13.81 -7.72 4.70
C THR B 33 14.25 -6.31 4.33
N SER B 34 13.32 -5.41 4.08
CA SER B 34 13.66 -4.05 3.66
C SER B 34 14.16 -3.21 4.82
N ALA B 35 15.10 -2.33 4.55
CA ALA B 35 15.52 -1.33 5.52
C ALA B 35 14.35 -0.49 6.01
N SER B 36 13.31 -0.37 5.17
CA SER B 36 12.13 0.39 5.52
C SER B 36 11.33 -0.19 6.68
N ILE B 37 11.58 -1.45 7.04
CA ILE B 37 10.83 -2.05 8.13
C ILE B 37 11.19 -1.43 9.49
N ALA B 38 12.34 -0.77 9.60
CA ALA B 38 12.76 -0.19 10.89
C ALA B 38 11.92 1.03 11.27
N CYS B 39 11.97 2.07 10.44
CA CYS B 39 11.29 3.35 10.73
C CYS B 39 10.50 3.84 9.51
N ASN B 40 9.98 2.90 8.72
CA ASN B 40 9.28 3.21 7.47
C ASN B 40 10.32 3.72 6.44
N GLY B 41 9.87 4.01 5.25
CA GLY B 41 10.78 4.45 4.21
C GLY B 41 10.29 4.07 2.84
N SER B 42 11.22 4.03 1.89
CA SER B 42 10.92 3.72 0.49
C SER B 42 10.10 2.45 0.42
N PRO B 43 9.07 2.42 -0.45
CA PRO B 43 8.71 3.40 -1.48
C PRO B 43 7.88 4.57 -1.02
N ASN B 44 7.65 4.68 0.28
CA ASN B 44 7.08 5.88 0.91
C ASN B 44 8.17 6.95 1.05
N THR B 45 7.79 8.12 1.56
CA THR B 45 8.67 9.23 1.82
C THR B 45 8.46 9.67 3.26
N VAL B 46 9.52 9.64 4.06
CA VAL B 46 9.42 9.94 5.49
C VAL B 46 10.09 11.24 5.80
N ALA B 47 9.38 12.11 6.52
CA ALA B 47 9.89 13.42 6.90
C ALA B 47 10.80 13.36 8.11
N SER B 48 11.79 14.24 8.14
CA SER B 48 12.63 14.38 9.31
C SER B 48 12.02 15.43 10.23
N THR B 49 12.47 15.44 11.48
CA THR B 49 11.99 16.38 12.48
C THR B 49 13.13 16.64 13.45
N SER B 50 13.30 17.90 13.84
CA SER B 50 14.36 18.28 14.76
C SER B 50 13.99 18.05 16.22
N LYS B 51 12.71 17.82 16.52
CA LYS B 51 12.25 17.75 17.91
C LYS B 51 12.64 16.42 18.54
N VAL B 52 13.26 16.48 19.71
CA VAL B 52 13.51 15.32 20.55
C VAL B 52 12.70 15.53 21.82
N ILE B 53 11.81 14.60 22.12
CA ILE B 53 10.81 14.76 23.17
C ILE B 53 11.31 14.17 24.49
N THR B 54 11.36 14.98 25.55
CA THR B 54 11.74 14.49 26.86
C THR B 54 10.61 13.67 27.47
N VAL B 55 10.96 12.50 27.97
CA VAL B 55 10.01 11.59 28.61
C VAL B 55 10.63 11.06 29.89
N GLN B 56 9.84 10.92 30.94
CA GLN B 56 10.32 10.35 32.20
C GLN B 56 10.26 8.82 32.14
N ALA B 57 11.37 8.17 32.46
CA ALA B 57 11.40 6.71 32.52
C ALA B 57 10.37 6.21 33.51
N GLY B 58 9.69 5.13 33.16
CA GLY B 58 8.66 4.55 34.01
C GLY B 58 7.25 4.98 33.69
N THR B 59 7.10 6.07 32.93
CA THR B 59 5.79 6.61 32.60
C THR B 59 5.33 6.08 31.25
N ASN B 60 4.05 6.24 30.98
CA ASN B 60 3.50 5.87 29.68
C ASN B 60 3.52 7.06 28.75
N VAL B 61 3.75 6.78 27.48
CA VAL B 61 3.46 7.69 26.39
C VAL B 61 2.35 7.07 25.55
N THR B 62 1.72 7.87 24.71
CA THR B 62 0.63 7.35 23.88
C THR B 62 0.85 7.74 22.43
N ALA B 63 1.09 6.74 21.59
CA ALA B 63 1.15 6.94 20.16
C ALA B 63 -0.26 7.16 19.66
N ILE B 64 -0.45 8.16 18.80
CA ILE B 64 -1.75 8.53 18.29
C ILE B 64 -1.80 8.20 16.79
N TRP B 65 -2.62 7.22 16.47
CA TRP B 65 -2.77 6.68 15.12
C TRP B 65 -3.95 7.32 14.41
N ARG B 66 -3.73 7.66 13.13
CA ARG B 66 -4.73 8.29 12.29
C ARG B 66 -4.68 7.71 10.87
N TYR B 67 -5.79 7.78 10.17
CA TYR B 67 -5.86 7.23 8.82
C TYR B 67 -4.87 7.91 7.88
N MET B 68 -4.86 9.25 7.89
CA MET B 68 -3.97 10.04 7.05
C MET B 68 -3.41 11.19 7.86
N LEU B 69 -2.39 11.86 7.34
CA LEU B 69 -1.81 13.01 8.03
C LEU B 69 -2.84 14.11 8.30
N SER B 70 -3.76 14.30 7.37
CA SER B 70 -4.73 15.39 7.46
C SER B 70 -6.01 15.05 8.23
N THR B 71 -6.10 13.82 8.75
CA THR B 71 -7.30 13.41 9.45
C THR B 71 -7.55 14.25 10.69
N THR B 72 -8.77 14.72 10.88
CA THR B 72 -9.09 15.60 12.01
C THR B 72 -10.00 15.00 13.09
N GLY B 73 -10.44 13.76 12.89
CA GLY B 73 -11.27 13.06 13.87
C GLY B 73 -10.55 11.91 14.54
N ASP B 74 -11.25 11.24 15.43
CA ASP B 74 -10.71 10.07 16.13
C ASP B 74 -11.70 8.91 16.21
N SER B 75 -12.70 8.92 15.33
CA SER B 75 -13.64 7.80 15.25
C SER B 75 -12.93 6.62 14.58
N PRO B 76 -13.54 5.42 14.61
CA PRO B 76 -12.84 4.27 14.06
C PRO B 76 -12.28 4.44 12.62
N ALA B 77 -13.09 4.99 11.72
CA ALA B 77 -12.65 5.18 10.34
C ALA B 77 -11.53 6.22 10.22
N ASP B 78 -11.41 7.09 11.22
CA ASP B 78 -10.34 8.06 11.30
C ASP B 78 -9.02 7.46 11.80
N VAL B 79 -9.02 6.19 12.18
CA VAL B 79 -7.84 5.52 12.68
C VAL B 79 -7.33 4.50 11.66
N MET B 80 -8.13 3.46 11.41
CA MET B 80 -7.76 2.40 10.48
C MET B 80 -9.02 1.58 10.17
N ASP B 81 -9.08 1.02 8.97
CA ASP B 81 -10.20 0.20 8.55
C ASP B 81 -10.37 -0.98 9.49
N SER B 82 -11.62 -1.29 9.82
CA SER B 82 -11.92 -2.36 10.77
C SER B 82 -11.52 -3.77 10.29
N SER B 83 -11.27 -3.95 9.00
CA SER B 83 -10.74 -5.21 8.50
C SER B 83 -9.34 -5.53 9.03
N HIS B 84 -8.60 -4.50 9.42
CA HIS B 84 -7.18 -4.60 9.71
C HIS B 84 -6.90 -5.10 11.12
N LYS B 85 -7.20 -6.36 11.34
CA LYS B 85 -7.00 -7.01 12.62
C LYS B 85 -5.56 -7.47 12.75
N GLY B 86 -4.97 -7.26 13.92
CA GLY B 86 -3.61 -7.68 14.18
C GLY B 86 -3.09 -7.10 15.48
N PRO B 87 -1.81 -7.31 15.73
CA PRO B 87 -1.19 -6.82 16.95
C PRO B 87 -0.76 -5.34 16.88
N THR B 88 -0.66 -4.74 18.07
CA THR B 88 0.11 -3.51 18.25
C THR B 88 1.37 -3.84 19.01
N ILE B 89 2.45 -3.12 18.72
CA ILE B 89 3.77 -3.44 19.23
C ILE B 89 4.57 -2.16 19.35
N ALA B 90 5.51 -2.11 20.29
CA ALA B 90 6.41 -0.98 20.38
C ALA B 90 7.78 -1.44 20.85
N TYR B 91 8.79 -0.73 20.33
CA TYR B 91 10.20 -1.01 20.60
C TYR B 91 10.95 0.28 20.90
N LEU B 92 12.04 0.16 21.64
CA LEU B 92 13.02 1.23 21.81
C LEU B 92 14.36 0.82 21.23
N LYS B 93 15.16 1.82 20.84
CA LYS B 93 16.54 1.62 20.42
C LYS B 93 17.36 2.78 20.95
N LYS B 94 18.39 2.48 21.74
CA LYS B 94 19.26 3.52 22.28
C LYS B 94 20.14 4.06 21.17
N VAL B 95 20.20 5.38 21.03
CA VAL B 95 20.99 6.03 20.01
C VAL B 95 21.67 7.27 20.60
N ASP B 96 22.77 7.68 20.01
CA ASP B 96 23.44 8.88 20.49
C ASP B 96 22.70 10.15 20.09
N ASN B 97 22.04 10.16 18.93
CA ASN B 97 21.34 11.35 18.47
C ASN B 97 20.03 10.91 17.84
N ALA B 98 18.94 11.11 18.60
CA ALA B 98 17.64 10.66 18.14
C ALA B 98 17.10 11.46 16.96
N ALA B 99 17.65 12.63 16.68
CA ALA B 99 17.20 13.41 15.52
C ALA B 99 17.84 12.96 14.22
N THR B 100 18.89 12.14 14.29
CA THR B 100 19.65 11.77 13.09
C THR B 100 19.85 10.26 12.87
N ALA B 101 19.77 9.46 13.91
CA ALA B 101 20.02 8.02 13.78
C ALA B 101 18.99 7.38 12.86
N SER B 102 19.38 6.52 11.93
CA SER B 102 18.36 5.97 10.97
C SER B 102 17.38 4.96 11.55
N GLY B 103 17.83 4.26 12.56
CA GLY B 103 17.05 3.14 13.13
C GLY B 103 17.33 1.78 12.53
N VAL B 104 17.95 1.72 11.37
CA VAL B 104 18.23 0.46 10.71
C VAL B 104 19.33 -0.28 11.45
N GLY B 105 19.14 -1.57 11.67
CA GLY B 105 20.14 -2.40 12.31
C GLY B 105 19.77 -2.85 13.70
N ASN B 106 20.79 -3.23 14.46
CA ASN B 106 20.61 -3.84 15.77
C ASN B 106 20.37 -2.78 16.84
N GLY B 107 19.86 -3.20 17.99
CA GLY B 107 19.66 -2.33 19.14
C GLY B 107 18.23 -2.23 19.62
N TRP B 108 17.28 -2.79 18.86
CA TRP B 108 15.87 -2.70 19.23
C TRP B 108 15.53 -3.68 20.33
N PHE B 109 14.66 -3.25 21.23
CA PHE B 109 14.08 -4.15 22.23
C PHE B 109 12.62 -3.82 22.38
N LYS B 110 11.81 -4.86 22.54
CA LYS B 110 10.36 -4.72 22.59
C LYS B 110 9.91 -4.29 23.98
N ILE B 111 9.08 -3.27 24.06
CA ILE B 111 8.58 -2.78 25.35
C ILE B 111 7.07 -2.89 25.52
N GLN B 112 6.34 -3.23 24.45
CA GLN B 112 4.89 -3.38 24.50
C GLN B 112 4.44 -4.29 23.39
N GLN B 113 3.39 -5.08 23.66
CA GLN B 113 2.64 -5.75 22.59
C GLN B 113 1.25 -6.03 23.06
N ASP B 114 0.35 -6.15 22.10
CA ASP B 114 -1.05 -6.48 22.34
C ASP B 114 -1.51 -7.25 21.12
N GLY B 115 -1.57 -8.58 21.24
CA GLY B 115 -1.91 -9.46 20.14
C GLY B 115 -3.39 -9.73 20.08
N MET B 116 -3.77 -10.96 20.38
CA MET B 116 -5.17 -11.34 20.46
C MET B 116 -5.46 -11.81 21.88
N ASP B 117 -6.45 -11.20 22.53
CA ASP B 117 -6.74 -11.54 23.91
C ASP B 117 -7.57 -12.81 23.99
N SER B 118 -7.84 -13.27 25.21
CA SER B 118 -8.58 -14.52 25.42
C SER B 118 -10.02 -14.46 24.93
N SER B 119 -10.54 -13.26 24.72
CA SER B 119 -11.89 -13.05 24.17
C SER B 119 -11.90 -12.89 22.64
N GLY B 120 -10.75 -13.04 22.00
CA GLY B 120 -10.65 -12.97 20.54
C GLY B 120 -10.53 -11.57 19.95
N VAL B 121 -10.30 -10.56 20.79
CA VAL B 121 -10.20 -9.18 20.33
C VAL B 121 -8.72 -8.81 20.14
N TRP B 122 -8.43 -8.12 19.05
CA TRP B 122 -7.06 -7.83 18.64
C TRP B 122 -6.60 -6.48 19.13
N GLY B 123 -5.28 -6.31 19.30
CA GLY B 123 -4.72 -5.03 19.70
C GLY B 123 -5.10 -3.89 18.79
N THR B 124 -5.11 -4.12 17.47
CA THR B 124 -5.46 -3.04 16.55
C THR B 124 -6.91 -2.57 16.80
N GLU B 125 -7.80 -3.48 17.19
CA GLU B 125 -9.19 -3.13 17.44
C GLU B 125 -9.31 -2.20 18.66
N ARG B 126 -8.48 -2.43 19.67
CA ARG B 126 -8.45 -1.54 20.83
C ARG B 126 -7.97 -0.13 20.45
N VAL B 127 -7.03 -0.02 19.51
CA VAL B 127 -6.59 1.29 19.04
C VAL B 127 -7.67 1.92 18.15
N ILE B 128 -8.21 1.16 17.21
CA ILE B 128 -9.25 1.68 16.30
C ILE B 128 -10.46 2.20 17.06
N ASN B 129 -10.89 1.45 18.07
CA ASN B 129 -12.06 1.79 18.87
C ASN B 129 -11.75 2.58 20.14
N GLY B 130 -10.47 2.93 20.29
CA GLY B 130 -10.00 3.71 21.43
C GLY B 130 -9.36 5.03 21.01
N LYS B 131 -9.95 5.67 20.01
CA LYS B 131 -9.56 7.02 19.57
C LYS B 131 -8.12 7.06 19.03
N GLY B 132 -7.64 5.93 18.53
CA GLY B 132 -6.30 5.85 17.98
C GLY B 132 -5.19 5.83 19.02
N ARG B 133 -5.53 5.60 20.28
CA ARG B 133 -4.57 5.68 21.37
C ARG B 133 -3.88 4.34 21.62
N HIS B 134 -2.56 4.34 21.53
CA HIS B 134 -1.71 3.15 21.71
C HIS B 134 -0.77 3.48 22.86
N SER B 135 -1.11 2.99 24.05
CA SER B 135 -0.38 3.35 25.27
C SER B 135 0.82 2.41 25.46
N ILE B 136 1.95 3.01 25.80
CA ILE B 136 3.23 2.31 25.81
C ILE B 136 4.02 2.76 27.05
N LYS B 137 4.42 1.80 27.89
CA LYS B 137 5.19 2.14 29.08
C LYS B 137 6.68 2.17 28.76
N ILE B 138 7.31 3.30 29.04
CA ILE B 138 8.76 3.42 28.96
C ILE B 138 9.34 2.78 30.22
N PRO B 139 10.16 1.74 30.10
CA PRO B 139 10.66 1.09 31.32
C PRO B 139 11.46 2.02 32.23
N GLU B 140 11.30 1.83 33.54
CA GLU B 140 11.99 2.64 34.52
C GLU B 140 13.48 2.28 34.61
N CYS B 141 13.81 1.04 34.26
CA CYS B 141 15.13 0.48 34.56
C CYS B 141 16.17 0.63 33.46
N ILE B 142 15.81 1.19 32.32
CA ILE B 142 16.77 1.37 31.23
C ILE B 142 17.68 2.56 31.48
N ALA B 143 18.79 2.58 30.76
CA ALA B 143 19.71 3.70 30.82
C ALA B 143 19.03 4.97 30.32
N PRO B 144 19.34 6.11 30.96
CA PRO B 144 18.83 7.36 30.44
C PRO B 144 19.50 7.72 29.13
N GLY B 145 18.88 8.63 28.37
CA GLY B 145 19.47 9.18 27.18
C GLY B 145 18.53 9.11 26.00
N GLN B 146 19.10 9.26 24.81
CA GLN B 146 18.29 9.35 23.62
C GLN B 146 17.94 7.98 23.05
N TYR B 147 16.71 7.88 22.58
CA TYR B 147 16.17 6.64 22.03
C TYR B 147 15.28 6.95 20.86
N LEU B 148 15.17 5.99 19.94
CA LEU B 148 14.06 5.92 19.00
C LEU B 148 12.97 5.02 19.59
N LEU B 149 11.73 5.44 19.42
CA LEU B 149 10.55 4.66 19.79
C LEU B 149 9.83 4.26 18.51
N ARG B 150 9.82 2.97 18.20
CA ARG B 150 9.15 2.44 17.02
C ARG B 150 7.81 1.85 17.45
N ALA B 151 6.73 2.50 17.07
CA ALA B 151 5.39 1.98 17.35
C ALA B 151 4.82 1.42 16.06
N GLU B 152 4.14 0.28 16.17
CA GLU B 152 3.74 -0.50 15.04
C GLU B 152 2.35 -1.11 15.21
N MET B 153 1.61 -1.15 14.11
CA MET B 153 0.41 -1.98 13.98
C MET B 153 0.62 -2.89 12.79
N ILE B 154 0.32 -4.18 12.94
CA ILE B 154 0.43 -5.13 11.82
C ILE B 154 -0.96 -5.60 11.47
N ALA B 155 -1.40 -5.33 10.26
CA ALA B 155 -2.71 -5.80 9.79
C ALA B 155 -2.54 -7.15 9.12
N LEU B 156 -3.36 -8.13 9.52
CA LEU B 156 -3.20 -9.52 9.11
C LEU B 156 -4.35 -10.05 8.27
N HIS B 157 -5.29 -9.21 7.87
CA HIS B 157 -6.44 -9.68 7.09
C HIS B 157 -6.03 -10.25 5.74
N ALA B 158 -4.88 -9.86 5.20
CA ALA B 158 -4.39 -10.32 3.90
C ALA B 158 -3.11 -11.14 4.04
N ALA B 159 -2.90 -11.75 5.21
CA ALA B 159 -1.61 -12.38 5.57
C ALA B 159 -1.56 -13.89 5.41
N SER B 160 -2.53 -14.49 4.74
CA SER B 160 -2.57 -15.96 4.61
C SER B 160 -1.31 -16.48 3.95
N ASN B 161 -0.77 -15.73 3.00
CA ASN B 161 0.52 -16.05 2.43
C ASN B 161 1.48 -14.87 2.67
N TYR B 162 2.76 -15.10 2.38
CA TYR B 162 3.77 -14.05 2.49
C TYR B 162 4.37 -13.81 1.10
N PRO B 163 4.41 -12.54 0.63
CA PRO B 163 3.99 -11.34 1.33
C PRO B 163 2.48 -11.24 1.49
N GLY B 164 2.09 -10.51 2.52
CA GLY B 164 0.69 -10.28 2.78
C GLY B 164 0.43 -9.46 4.02
N ALA B 165 1.12 -9.79 5.11
CA ALA B 165 1.06 -8.99 6.32
C ALA B 165 1.45 -7.56 5.98
N GLN B 166 0.76 -6.61 6.60
CA GLN B 166 0.97 -5.18 6.35
C GLN B 166 1.49 -4.52 7.60
N PHE B 167 2.72 -4.00 7.52
CA PHE B 167 3.42 -3.43 8.66
C PHE B 167 3.37 -1.90 8.59
N TYR B 168 2.76 -1.29 9.59
CA TYR B 168 2.62 0.17 9.69
C TYR B 168 3.42 0.61 10.90
N MET B 169 4.47 1.39 10.70
CA MET B 169 5.33 1.80 11.80
C MET B 169 5.85 3.21 11.58
N GLU B 170 6.11 3.89 12.69
CA GLU B 170 6.83 5.17 12.68
C GLU B 170 7.68 5.24 13.92
N CYS B 171 8.73 6.04 13.81
CA CYS B 171 9.67 6.27 14.89
C CYS B 171 9.59 7.67 15.46
N ALA B 172 9.46 7.72 16.77
CA ALA B 172 9.55 8.94 17.54
C ALA B 172 10.93 9.09 18.16
N GLN B 173 11.28 10.33 18.46
CA GLN B 173 12.61 10.74 18.92
C GLN B 173 12.52 11.18 20.36
N LEU B 174 13.10 10.39 21.27
CA LEU B 174 12.96 10.61 22.71
C LEU B 174 14.27 10.90 23.40
N ASN B 175 14.15 11.67 24.48
CA ASN B 175 15.18 11.84 25.48
C ASN B 175 14.61 11.31 26.78
N VAL B 176 15.06 10.12 27.19
CA VAL B 176 14.53 9.46 28.37
C VAL B 176 15.33 9.92 29.57
N VAL B 177 14.65 10.54 30.52
CA VAL B 177 15.27 11.03 31.73
C VAL B 177 14.78 10.21 32.92
N GLY B 178 15.67 9.98 33.87
CA GLY B 178 15.32 9.29 35.11
C GLY B 178 15.45 7.78 35.06
N GLY B 179 15.87 7.22 33.93
CA GLY B 179 16.13 5.79 33.84
C GLY B 179 17.25 5.39 34.77
N THR B 180 17.11 4.27 35.47
CA THR B 180 18.09 3.88 36.48
C THR B 180 19.29 3.16 35.88
N GLY B 181 19.15 2.62 34.68
CA GLY B 181 20.19 1.80 34.08
C GLY B 181 20.42 0.48 34.79
N ALA B 182 19.46 0.05 35.61
CA ALA B 182 19.57 -1.20 36.35
C ALA B 182 19.53 -2.44 35.46
N LYS B 183 19.02 -2.31 34.23
CA LYS B 183 18.88 -3.47 33.36
C LYS B 183 19.17 -3.13 31.91
N THR B 184 19.93 -4.00 31.25
CA THR B 184 20.35 -3.82 29.87
C THR B 184 19.60 -4.84 29.00
N PRO B 185 18.73 -4.37 28.09
CA PRO B 185 17.98 -5.30 27.26
C PRO B 185 18.85 -6.07 26.27
N SER B 186 18.49 -7.33 26.02
CA SER B 186 18.93 -8.02 24.81
C SER B 186 18.19 -7.38 23.65
N THR B 187 18.88 -7.31 22.50
CA THR B 187 18.37 -6.58 21.36
C THR B 187 18.29 -7.40 20.09
N VAL B 188 17.49 -6.88 19.16
CA VAL B 188 17.28 -7.46 17.84
C VAL B 188 17.45 -6.38 16.78
N SER B 189 17.50 -6.82 15.53
CA SER B 189 17.68 -5.92 14.41
C SER B 189 16.43 -5.76 13.57
N PHE B 190 16.26 -4.56 12.99
CA PHE B 190 15.28 -4.34 11.93
C PHE B 190 16.04 -3.76 10.75
N PRO B 191 16.02 -4.46 9.60
CA PRO B 191 15.41 -5.77 9.36
C PRO B 191 16.15 -6.88 10.08
N GLY B 192 15.45 -7.99 10.28
CA GLY B 192 16.03 -9.20 10.85
C GLY B 192 15.12 -9.88 11.84
N ALA B 193 14.43 -9.12 12.66
CA ALA B 193 13.64 -9.69 13.76
C ALA B 193 12.40 -10.42 13.28
N TYR B 194 11.85 -9.99 12.16
CA TYR B 194 10.70 -10.61 11.55
C TYR B 194 11.09 -11.39 10.31
N SER B 195 10.44 -12.53 10.14
CA SER B 195 10.60 -13.39 8.96
CA SER B 195 10.61 -13.34 8.94
C SER B 195 9.24 -13.64 8.33
N GLY B 196 9.19 -13.82 7.01
CA GLY B 196 7.96 -14.11 6.32
C GLY B 196 7.36 -15.44 6.71
N SER B 197 8.15 -16.29 7.35
CA SER B 197 7.71 -17.59 7.84
C SER B 197 7.17 -17.57 9.26
N ASP B 198 7.28 -16.45 9.96
CA ASP B 198 6.88 -16.40 11.37
C ASP B 198 5.40 -16.73 11.51
N PRO B 199 5.02 -17.42 12.59
CA PRO B 199 3.62 -17.81 12.77
C PRO B 199 2.65 -16.64 12.97
N GLY B 200 3.17 -15.49 13.35
CA GLY B 200 2.37 -14.28 13.44
C GLY B 200 2.44 -13.36 12.23
N VAL B 201 3.16 -13.77 11.19
CA VAL B 201 3.30 -12.99 9.96
C VAL B 201 2.57 -13.67 8.80
N LYS B 202 2.80 -14.97 8.64
CA LYS B 202 2.06 -15.76 7.64
C LYS B 202 0.96 -16.54 8.39
N ILE B 203 -0.26 -16.07 8.27
CA ILE B 203 -1.34 -16.54 9.09
C ILE B 203 -2.66 -16.24 8.41
N SER B 204 -3.53 -17.24 8.37
CA SER B 204 -4.90 -17.08 7.92
C SER B 204 -5.77 -16.85 9.15
N ILE B 205 -6.23 -15.62 9.36
CA ILE B 205 -6.91 -15.31 10.62
C ILE B 205 -8.35 -15.79 10.71
N TYR B 206 -9.02 -15.96 9.57
CA TYR B 206 -10.45 -16.24 9.62
C TYR B 206 -10.78 -17.68 9.48
N TRP B 207 -9.95 -18.42 8.74
CA TRP B 207 -10.30 -19.78 8.38
CA TRP B 207 -10.30 -19.79 8.34
C TRP B 207 -9.05 -20.62 8.32
N PRO B 208 -8.85 -21.50 9.34
CA PRO B 208 -9.66 -21.65 10.55
C PRO B 208 -9.49 -20.42 11.46
N PRO B 209 -10.54 -20.04 12.20
CA PRO B 209 -10.41 -18.85 13.05
C PRO B 209 -9.31 -19.02 14.10
N VAL B 210 -8.51 -18.01 14.30
CA VAL B 210 -7.42 -18.02 15.26
C VAL B 210 -7.92 -17.95 16.71
N THR B 211 -7.38 -18.81 17.57
CA THR B 211 -7.66 -18.72 19.01
C THR B 211 -6.42 -18.33 19.84
N ALA B 212 -5.23 -18.47 19.26
CA ALA B 212 -3.98 -18.03 19.89
C ALA B 212 -3.17 -17.37 18.81
N TYR B 213 -2.50 -16.29 19.17
CA TYR B 213 -1.67 -15.56 18.26
C TYR B 213 -0.31 -15.31 18.88
N THR B 214 0.74 -15.61 18.12
CA THR B 214 2.10 -15.34 18.57
C THR B 214 2.62 -14.07 17.90
N VAL B 215 2.77 -13.01 18.68
CA VAL B 215 3.24 -11.75 18.14
C VAL B 215 4.68 -11.95 17.65
N PRO B 216 5.02 -11.45 16.45
CA PRO B 216 6.40 -11.61 15.99
C PRO B 216 7.38 -10.79 16.82
N GLY B 217 8.64 -11.14 16.69
CA GLY B 217 9.71 -10.47 17.38
C GLY B 217 10.04 -11.10 18.72
N PRO B 218 10.93 -10.47 19.48
CA PRO B 218 11.41 -10.97 20.76
C PRO B 218 10.37 -10.84 21.87
N SER B 219 10.64 -11.46 23.01
CA SER B 219 9.79 -11.26 24.18
C SER B 219 9.81 -9.80 24.64
N VAL B 220 8.77 -9.39 25.33
CA VAL B 220 8.70 -8.06 25.88
C VAL B 220 9.72 -7.93 27.02
N PHE B 221 10.52 -6.87 26.94
CA PHE B 221 11.45 -6.51 27.99
C PHE B 221 10.70 -6.02 29.21
N THR B 222 11.04 -6.57 30.37
CA THR B 222 10.43 -6.16 31.63
C THR B 222 11.52 -5.88 32.65
N CYS B 223 11.24 -4.96 33.56
CA CYS B 223 12.18 -4.61 34.62
C CYS B 223 12.13 -5.63 35.74
#